data_7R75
#
_entry.id   7R75
#
_cell.length_a   39.620
_cell.length_b   53.350
_cell.length_c   215.840
_cell.angle_alpha   90.000
_cell.angle_beta   90.000
_cell.angle_gamma   90.000
#
_symmetry.space_group_name_H-M   'P 2 21 21'
#
loop_
_entity.id
_entity.type
_entity.pdbx_description
1 polymer 'Tyrosine-protein phosphatase non-receptor type 11'
2 non-polymer 6-(4-amino-4-methylpiperidin-1-yl)-3-(3-chlorophenyl)-1,5-dihydro-4H-pyrazolo[3,4-d]pyrimidin-4-one
#
_entity_poly.entity_id   1
_entity_poly.type   'polypeptide(L)'
_entity_poly.pdbx_seq_one_letter_code
;GAMADIMTSRRWFHPNITGVEAENLLLTRGVDGSFLARPSKSNPGDFTLSVRRNGAVTHIKIQNTGDYYDLYGGEKFATL
AELVQYYMEHHGQLKEKNGDVIELKYPLNCADPTSERWFHGHLSGKEAEKLLTEKGKHGSFLVRESQSHPGDFVLSVRTG
DDKGESNDGKSKVTHVMIRCQELKYDVGGGERFDSLTDLVEHYKKNPMVETLGTVLQLKQPLNTTRINAAEIESRVRELS
KLAETTDKVKQGFWEEFETLQQQECKLLYSRKEGQRQENKNKNRYKNILPFDHTRVVLHDGDPNEPVSDYINANIIMPEF
ETKCNNSKPKKSYIATQGCLQNTVNDFWRMVFQENSRVIVMTTKEVERGKSKCVKYWPDEYALKEYGVMRVRNVKESAAH
DYTLRELKLSKVGQGNTERTVWQYHFRTWPDHGVPSDPGGVLDFLEEVHHKQESIMDAGPVVVHCSAGIGRTGTFIVIDI
LIDIIREKGVDCDIDVPKTIQMVRSQRSGMVQTEAQYRFIYMAVQHYIETLQRRIE
;
_entity_poly.pdbx_strand_id   A
#
loop_
_chem_comp.id
_chem_comp.type
_chem_comp.name
_chem_comp.formula
33I non-polymer 6-(4-amino-4-methylpiperidin-1-yl)-3-(3-chlorophenyl)-1,5-dihydro-4H-pyrazolo[3,4-d]pyrimidin-4-one 'C17 H19 Cl N6 O'
#
# COMPACT_ATOMS: atom_id res chain seq x y z
N SER A 9 -5.78 -15.46 -6.79
CA SER A 9 -5.69 -14.04 -6.47
C SER A 9 -4.23 -13.61 -6.32
N ARG A 10 -3.77 -12.85 -7.32
CA ARG A 10 -2.37 -12.39 -7.38
C ARG A 10 -1.38 -13.56 -7.34
N ARG A 11 -1.80 -14.73 -7.83
CA ARG A 11 -0.87 -15.84 -7.98
C ARG A 11 0.03 -15.68 -9.19
N TRP A 12 -0.32 -14.77 -10.11
CA TRP A 12 0.48 -14.52 -11.30
C TRP A 12 1.78 -13.77 -11.00
N PHE A 13 1.98 -13.36 -9.75
CA PHE A 13 3.18 -12.62 -9.36
C PHE A 13 4.19 -13.60 -8.78
N HIS A 14 5.28 -13.83 -9.50
CA HIS A 14 6.35 -14.69 -9.03
C HIS A 14 7.42 -13.82 -8.39
N PRO A 15 7.56 -13.79 -7.06
CA PRO A 15 8.47 -12.82 -6.45
C PRO A 15 9.94 -13.15 -6.65
N ASN A 16 10.32 -14.42 -6.52
CA ASN A 16 11.71 -14.86 -6.66
C ASN A 16 11.86 -15.58 -7.99
N ILE A 17 12.18 -14.82 -9.05
CA ILE A 17 12.32 -15.39 -10.38
C ILE A 17 13.12 -14.41 -11.22
N THR A 18 13.92 -14.96 -12.13
CA THR A 18 14.63 -14.17 -13.12
C THR A 18 13.93 -14.27 -14.47
N GLY A 19 14.33 -13.39 -15.39
CA GLY A 19 13.70 -13.36 -16.70
C GLY A 19 13.86 -14.66 -17.47
N VAL A 20 14.98 -15.35 -17.26
CA VAL A 20 15.22 -16.60 -17.98
C VAL A 20 14.27 -17.69 -17.49
N GLU A 21 13.91 -17.66 -16.22
CA GLU A 21 12.99 -18.66 -15.69
C GLU A 21 11.55 -18.37 -16.08
N ALA A 22 11.20 -17.10 -16.29
CA ALA A 22 9.84 -16.77 -16.71
C ALA A 22 9.61 -17.16 -18.17
N GLU A 23 10.63 -17.03 -19.01
CA GLU A 23 10.49 -17.47 -20.39
C GLU A 23 10.30 -18.98 -20.47
N ASN A 24 10.96 -19.73 -19.58
CA ASN A 24 10.83 -21.18 -19.61
C ASN A 24 9.47 -21.62 -19.07
N LEU A 25 8.93 -20.90 -18.08
CA LEU A 25 7.62 -21.27 -17.53
C LEU A 25 6.51 -21.03 -18.55
N LEU A 26 6.54 -19.88 -19.23
CA LEU A 26 5.49 -19.57 -20.19
C LEU A 26 5.57 -20.44 -21.43
N LEU A 27 6.77 -20.91 -21.79
CA LEU A 27 6.93 -21.79 -22.94
C LEU A 27 6.69 -23.25 -22.61
N THR A 28 6.80 -23.64 -21.33
CA THR A 28 6.62 -25.04 -20.94
C THR A 28 5.15 -25.32 -20.61
N ARG A 29 4.64 -24.70 -19.54
CA ARG A 29 3.29 -24.96 -19.06
C ARG A 29 2.34 -23.80 -19.36
N GLY A 30 2.62 -23.01 -20.38
CA GLY A 30 1.78 -21.89 -20.74
C GLY A 30 1.39 -21.94 -22.20
N VAL A 31 0.23 -21.35 -22.49
CA VAL A 31 -0.29 -21.26 -23.85
C VAL A 31 -0.28 -19.79 -24.28
N ASP A 32 -0.72 -19.52 -25.50
CA ASP A 32 -0.84 -18.15 -25.96
C ASP A 32 -1.89 -17.41 -25.14
N GLY A 33 -1.49 -16.29 -24.54
CA GLY A 33 -2.32 -15.55 -23.62
C GLY A 33 -1.92 -15.72 -22.16
N SER A 34 -1.08 -16.70 -21.86
CA SER A 34 -0.60 -16.87 -20.50
C SER A 34 0.38 -15.75 -20.13
N PHE A 35 0.21 -15.22 -18.92
CA PHE A 35 1.01 -14.07 -18.49
C PHE A 35 1.42 -14.25 -17.04
N LEU A 36 2.47 -13.53 -16.65
CA LEU A 36 2.92 -13.47 -15.27
C LEU A 36 3.62 -12.14 -15.05
N ALA A 37 3.69 -11.72 -13.79
CA ALA A 37 4.34 -10.49 -13.40
C ALA A 37 5.56 -10.83 -12.56
N ARG A 38 6.73 -10.36 -12.99
CA ARG A 38 7.96 -10.66 -12.28
C ARG A 38 8.68 -9.37 -11.93
N PRO A 39 9.27 -9.28 -10.74
CA PRO A 39 10.02 -8.07 -10.38
C PRO A 39 11.46 -8.13 -10.81
N SER A 40 11.94 -7.06 -11.43
CA SER A 40 13.37 -6.92 -11.68
C SER A 40 14.10 -6.85 -10.35
N LYS A 41 14.97 -7.84 -10.10
CA LYS A 41 15.46 -8.10 -8.76
C LYS A 41 16.20 -6.91 -8.18
N SER A 42 17.34 -6.54 -8.77
CA SER A 42 18.19 -5.51 -8.20
C SER A 42 17.99 -4.14 -8.84
N ASN A 43 16.90 -3.94 -9.58
CA ASN A 43 16.58 -2.62 -10.13
C ASN A 43 15.36 -2.08 -9.42
N PRO A 44 15.47 -0.99 -8.67
CA PRO A 44 14.34 -0.55 -7.83
C PRO A 44 13.18 -0.04 -8.67
N GLY A 45 11.98 -0.50 -8.32
CA GLY A 45 10.76 -0.05 -8.97
C GLY A 45 10.65 -0.43 -10.43
N ASP A 46 11.20 -1.57 -10.81
CA ASP A 46 11.13 -2.06 -12.19
C ASP A 46 10.48 -3.45 -12.17
N PHE A 47 9.29 -3.54 -12.77
CA PHE A 47 8.58 -4.80 -12.89
C PHE A 47 8.41 -5.15 -14.37
N THR A 48 8.23 -6.44 -14.64
CA THR A 48 8.09 -6.92 -16.01
C THR A 48 6.82 -7.76 -16.12
N LEU A 49 6.01 -7.46 -17.13
CA LEU A 49 4.82 -8.24 -17.45
C LEU A 49 5.16 -9.14 -18.64
N SER A 50 5.38 -10.41 -18.36
CA SER A 50 5.79 -11.38 -19.38
C SER A 50 4.56 -12.12 -19.88
N VAL A 51 4.26 -11.98 -21.17
CA VAL A 51 3.11 -12.61 -21.80
C VAL A 51 3.59 -13.46 -22.96
N ARG A 52 3.02 -14.66 -23.09
CA ARG A 52 3.30 -15.52 -24.24
C ARG A 52 2.36 -15.19 -25.38
N ARG A 53 2.92 -14.93 -26.56
CA ARG A 53 2.13 -14.54 -27.71
C ARG A 53 2.86 -14.96 -28.98
N ASN A 54 2.13 -15.62 -29.89
CA ASN A 54 2.69 -16.07 -31.15
C ASN A 54 3.87 -17.00 -30.93
N GLY A 55 3.74 -17.92 -29.98
CA GLY A 55 4.80 -18.84 -29.67
C GLY A 55 5.99 -18.24 -28.94
N ALA A 56 6.17 -16.93 -28.98
CA ALA A 56 7.27 -16.32 -28.25
C ALA A 56 6.75 -15.64 -26.98
N VAL A 57 7.69 -15.13 -26.18
CA VAL A 57 7.38 -14.45 -24.93
C VAL A 57 7.65 -12.96 -25.10
N THR A 58 6.66 -12.15 -24.76
CA THR A 58 6.76 -10.69 -24.82
C THR A 58 6.89 -10.15 -23.40
N HIS A 59 7.92 -9.33 -23.19
CA HIS A 59 8.20 -8.75 -21.88
C HIS A 59 7.88 -7.27 -21.92
N ILE A 60 6.81 -6.88 -21.25
CA ILE A 60 6.37 -5.49 -21.19
C ILE A 60 6.84 -4.90 -19.87
N LYS A 61 7.56 -3.79 -19.93
CA LYS A 61 8.19 -3.22 -18.75
C LYS A 61 7.21 -2.38 -17.95
N ILE A 62 7.31 -2.48 -16.63
CA ILE A 62 6.51 -1.69 -15.70
C ILE A 62 7.47 -0.95 -14.79
N GLN A 63 7.44 0.39 -14.85
CA GLN A 63 8.33 1.23 -14.07
C GLN A 63 7.55 1.88 -12.94
N ASN A 64 8.15 1.91 -11.75
CA ASN A 64 7.53 2.51 -10.56
C ASN A 64 8.62 3.31 -9.85
N THR A 65 8.71 4.59 -10.16
CA THR A 65 9.67 5.48 -9.53
C THR A 65 9.23 5.96 -8.16
N GLY A 66 8.13 5.44 -7.63
CA GLY A 66 7.62 5.84 -6.33
C GLY A 66 6.27 6.54 -6.36
N ASP A 67 5.67 6.75 -7.53
CA ASP A 67 4.40 7.46 -7.64
C ASP A 67 3.28 6.60 -8.23
N TYR A 68 3.58 5.77 -9.21
CA TYR A 68 2.58 4.91 -9.83
C TYR A 68 3.28 3.81 -10.60
N TYR A 69 2.49 2.82 -11.03
CA TYR A 69 2.98 1.73 -11.87
C TYR A 69 2.82 2.14 -13.32
N ASP A 70 3.93 2.47 -13.98
CA ASP A 70 3.91 2.97 -15.34
C ASP A 70 4.14 1.79 -16.29
N LEU A 71 3.08 1.38 -16.99
CA LEU A 71 3.16 0.28 -17.94
C LEU A 71 3.46 0.84 -19.32
N TYR A 72 4.60 0.46 -19.89
CA TYR A 72 5.00 0.97 -21.19
C TYR A 72 4.06 0.44 -22.27
N GLY A 73 3.46 1.35 -23.03
CA GLY A 73 2.44 0.99 -23.99
C GLY A 73 1.05 0.91 -23.43
N GLY A 74 0.89 0.93 -22.11
CA GLY A 74 -0.42 0.93 -21.50
C GLY A 74 -0.69 2.21 -20.74
N GLU A 75 -1.24 2.10 -19.53
CA GLU A 75 -1.54 3.28 -18.72
C GLU A 75 -0.76 3.24 -17.41
N LYS A 76 -1.22 4.03 -16.43
CA LYS A 76 -0.62 4.07 -15.10
C LYS A 76 -1.66 3.59 -14.10
N PHE A 77 -1.24 2.68 -13.22
CA PHE A 77 -2.16 2.03 -12.29
C PHE A 77 -1.64 2.17 -10.86
N ALA A 78 -2.55 1.95 -9.91
CA ALA A 78 -2.20 2.06 -8.50
C ALA A 78 -1.47 0.81 -8.00
N THR A 79 -1.95 -0.37 -8.38
CA THR A 79 -1.34 -1.63 -8.00
C THR A 79 -1.23 -2.53 -9.23
N LEU A 80 -0.43 -3.59 -9.09
CA LEU A 80 -0.35 -4.59 -10.15
C LEU A 80 -1.67 -5.33 -10.32
N ALA A 81 -2.42 -5.51 -9.24
CA ALA A 81 -3.71 -6.18 -9.33
C ALA A 81 -4.69 -5.38 -10.18
N GLU A 82 -4.75 -4.06 -9.95
CA GLU A 82 -5.59 -3.21 -10.80
C GLU A 82 -5.06 -3.14 -12.21
N LEU A 83 -3.75 -3.30 -12.40
CA LEU A 83 -3.20 -3.41 -13.75
C LEU A 83 -3.70 -4.67 -14.43
N VAL A 84 -3.72 -5.79 -13.71
CA VAL A 84 -4.16 -7.06 -14.29
C VAL A 84 -5.68 -7.04 -14.49
N GLN A 85 -6.42 -6.54 -13.50
CA GLN A 85 -7.88 -6.53 -13.60
C GLN A 85 -8.36 -5.64 -14.75
N TYR A 86 -7.60 -4.60 -15.08
CA TYR A 86 -8.05 -3.66 -16.11
C TYR A 86 -7.98 -4.28 -17.50
N TYR A 87 -7.07 -5.21 -17.73
CA TYR A 87 -6.90 -5.84 -19.03
C TYR A 87 -7.59 -7.20 -19.14
N MET A 88 -8.00 -7.80 -18.02
CA MET A 88 -8.72 -9.07 -18.03
C MET A 88 -10.21 -8.90 -17.80
N GLU A 89 -10.69 -7.70 -17.54
CA GLU A 89 -12.07 -7.50 -17.13
C GLU A 89 -12.58 -6.11 -17.50
N GLY A 92 -10.06 -1.89 -20.30
CA GLY A 92 -9.49 -1.57 -21.60
C GLY A 92 -8.73 -2.72 -22.23
N GLN A 93 -7.81 -2.40 -23.13
CA GLN A 93 -7.01 -3.40 -23.82
C GLN A 93 -5.60 -2.88 -24.04
N LEU A 94 -4.64 -3.80 -24.03
CA LEU A 94 -3.23 -3.48 -24.18
C LEU A 94 -2.76 -3.89 -25.57
N LYS A 95 -2.00 -3.01 -26.22
CA LYS A 95 -1.54 -3.26 -27.57
C LYS A 95 -0.21 -2.54 -27.79
N GLU A 96 0.57 -3.07 -28.74
CA GLU A 96 1.84 -2.46 -29.08
C GLU A 96 1.62 -1.17 -29.88
N LYS A 97 2.73 -0.46 -30.12
CA LYS A 97 2.66 0.76 -30.91
C LYS A 97 2.34 0.48 -32.37
N ASN A 98 2.53 -0.76 -32.83
CA ASN A 98 2.31 -1.09 -34.23
C ASN A 98 1.14 -2.04 -34.43
N GLY A 99 -0.04 -1.66 -33.94
CA GLY A 99 -1.26 -2.31 -34.34
C GLY A 99 -1.58 -3.57 -33.57
N ASP A 100 -0.60 -4.46 -33.45
CA ASP A 100 -0.82 -5.77 -32.85
C ASP A 100 -1.26 -5.64 -31.40
N VAL A 101 -2.31 -6.37 -31.03
CA VAL A 101 -2.88 -6.33 -29.69
C VAL A 101 -2.26 -7.44 -28.87
N ILE A 102 -2.10 -7.17 -27.57
CA ILE A 102 -1.56 -8.13 -26.60
C ILE A 102 -2.69 -8.55 -25.67
N GLU A 103 -2.90 -9.86 -25.55
CA GLU A 103 -4.01 -10.42 -24.78
C GLU A 103 -3.49 -10.97 -23.45
N LEU A 104 -4.05 -10.47 -22.36
CA LEU A 104 -3.82 -11.04 -21.03
C LEU A 104 -4.95 -12.01 -20.74
N LYS A 105 -4.68 -13.31 -20.81
CA LYS A 105 -5.71 -14.34 -20.74
C LYS A 105 -5.58 -15.19 -19.49
N TYR A 106 -4.52 -15.98 -19.36
CA TYR A 106 -4.45 -17.01 -18.30
C TYR A 106 -3.29 -16.72 -17.35
N PRO A 107 -3.57 -16.39 -16.09
CA PRO A 107 -2.49 -16.15 -15.12
C PRO A 107 -1.74 -17.44 -14.82
N LEU A 108 -0.42 -17.42 -15.02
CA LEU A 108 0.42 -18.57 -14.71
C LEU A 108 0.73 -18.54 -13.21
N ASN A 109 0.04 -19.39 -12.45
CA ASN A 109 0.12 -19.32 -10.99
C ASN A 109 1.53 -19.63 -10.49
N CYS A 110 1.89 -19.00 -9.38
CA CYS A 110 3.17 -19.18 -8.74
C CYS A 110 3.03 -20.11 -7.54
N ALA A 111 4.08 -20.88 -7.27
CA ALA A 111 4.09 -21.85 -6.19
C ALA A 111 4.98 -21.44 -5.03
N ASP A 112 5.60 -20.26 -5.09
CA ASP A 112 6.50 -19.79 -4.05
C ASP A 112 5.69 -19.26 -2.87
N PRO A 113 5.78 -19.90 -1.70
CA PRO A 113 5.01 -19.45 -0.53
C PRO A 113 5.71 -18.42 0.35
N THR A 114 6.93 -18.00 0.00
CA THR A 114 7.66 -17.05 0.84
C THR A 114 6.97 -15.69 0.92
N SER A 115 6.12 -15.35 -0.05
CA SER A 115 5.36 -14.13 -0.02
C SER A 115 4.01 -14.27 0.67
N GLU A 116 3.79 -15.39 1.37
CA GLU A 116 2.56 -15.61 2.12
C GLU A 116 2.78 -15.31 3.59
N ARG A 117 1.71 -14.88 4.27
CA ARG A 117 1.82 -14.49 5.66
C ARG A 117 2.04 -15.68 6.58
N TRP A 118 1.33 -16.78 6.32
CA TRP A 118 1.36 -17.93 7.21
C TRP A 118 2.59 -18.82 7.02
N PHE A 119 3.36 -18.62 5.96
CA PHE A 119 4.53 -19.45 5.69
C PHE A 119 5.76 -18.80 6.28
N HIS A 120 6.45 -19.52 7.17
CA HIS A 120 7.67 -19.03 7.80
C HIS A 120 8.90 -19.76 7.30
N GLY A 121 8.93 -21.09 7.41
CA GLY A 121 10.06 -21.87 6.90
C GLY A 121 11.28 -21.81 7.81
N HIS A 122 11.99 -22.95 7.90
CA HIS A 122 13.16 -23.08 8.77
C HIS A 122 12.82 -22.71 10.21
N LEU A 123 11.59 -23.03 10.61
CA LEU A 123 11.09 -22.76 11.95
C LEU A 123 10.71 -24.07 12.61
N SER A 124 10.95 -24.17 13.91
CA SER A 124 10.78 -25.41 14.64
C SER A 124 9.47 -25.40 15.44
N GLY A 125 9.08 -26.60 15.89
CA GLY A 125 7.95 -26.71 16.79
C GLY A 125 8.14 -26.01 18.11
N LYS A 126 9.40 -25.72 18.48
CA LYS A 126 9.66 -24.91 19.66
C LYS A 126 9.06 -23.52 19.53
N GLU A 127 9.41 -22.82 18.44
CA GLU A 127 8.89 -21.47 18.21
C GLU A 127 7.46 -21.48 17.72
N ALA A 128 7.06 -22.49 16.95
CA ALA A 128 5.70 -22.53 16.41
C ALA A 128 4.68 -22.65 17.53
N GLU A 129 4.87 -23.62 18.43
CA GLU A 129 3.97 -23.73 19.57
C GLU A 129 4.12 -22.54 20.52
N LYS A 130 5.30 -21.92 20.55
CA LYS A 130 5.53 -20.80 21.45
C LYS A 130 4.76 -19.57 20.98
N LEU A 131 4.95 -19.17 19.72
CA LEU A 131 4.26 -18.00 19.20
C LEU A 131 2.76 -18.22 19.15
N LEU A 132 2.31 -19.46 18.92
CA LEU A 132 0.89 -19.74 18.91
C LEU A 132 0.30 -19.77 20.32
N THR A 133 1.12 -19.94 21.34
CA THR A 133 0.62 -19.91 22.71
C THR A 133 0.59 -18.51 23.29
N GLU A 134 1.51 -17.65 22.88
CA GLU A 134 1.58 -16.27 23.39
C GLU A 134 0.66 -15.36 22.57
N LYS A 135 1.05 -15.08 21.32
CA LYS A 135 0.28 -14.22 20.43
C LYS A 135 -0.94 -14.90 19.83
N GLY A 136 -1.14 -16.19 20.10
CA GLY A 136 -2.12 -16.96 19.38
C GLY A 136 -3.56 -16.60 19.73
N LYS A 137 -4.46 -17.15 18.93
CA LYS A 137 -5.90 -16.93 19.07
C LYS A 137 -6.60 -18.01 18.24
N HIS A 138 -7.81 -18.37 18.67
CA HIS A 138 -8.62 -19.37 17.98
C HIS A 138 -8.69 -19.08 16.49
N GLY A 139 -8.10 -19.95 15.68
CA GLY A 139 -8.04 -19.79 14.24
C GLY A 139 -6.66 -19.44 13.72
N SER A 140 -5.76 -18.99 14.58
CA SER A 140 -4.41 -18.66 14.14
C SER A 140 -3.69 -19.92 13.69
N PHE A 141 -2.89 -19.78 12.62
CA PHE A 141 -2.19 -20.93 12.06
C PHE A 141 -0.91 -20.46 11.40
N LEU A 142 -0.08 -21.42 11.01
CA LEU A 142 1.18 -21.14 10.33
C LEU A 142 1.64 -22.42 9.64
N VAL A 143 2.54 -22.25 8.68
CA VAL A 143 3.16 -23.36 7.96
C VAL A 143 4.67 -23.19 8.02
N ARG A 144 5.36 -24.21 8.51
CA ARG A 144 6.80 -24.18 8.69
C ARG A 144 7.43 -25.38 8.00
N GLU A 145 8.73 -25.27 7.69
CA GLU A 145 9.47 -26.39 7.15
C GLU A 145 9.50 -27.52 8.18
N SER A 146 9.42 -28.75 7.68
CA SER A 146 9.30 -29.90 8.57
C SER A 146 10.58 -30.11 9.37
N GLN A 147 10.41 -30.63 10.58
CA GLN A 147 11.52 -30.85 11.49
C GLN A 147 12.30 -32.12 11.13
N SER A 148 11.57 -33.22 10.88
CA SER A 148 12.19 -34.52 10.68
C SER A 148 12.20 -34.96 9.23
N HIS A 149 11.27 -34.47 8.39
CA HIS A 149 11.19 -34.86 6.99
C HIS A 149 11.59 -33.67 6.12
N PRO A 150 12.85 -33.57 5.71
CA PRO A 150 13.27 -32.46 4.85
C PRO A 150 12.47 -32.43 3.57
N GLY A 151 11.70 -31.35 3.39
CA GLY A 151 10.82 -31.21 2.24
C GLY A 151 9.37 -31.05 2.64
N ASP A 152 8.94 -31.77 3.67
CA ASP A 152 7.58 -31.69 4.17
C ASP A 152 7.35 -30.39 4.93
N PHE A 153 6.12 -30.19 5.40
CA PHE A 153 5.76 -29.01 6.16
C PHE A 153 4.75 -29.38 7.23
N VAL A 154 4.61 -28.50 8.22
CA VAL A 154 3.73 -28.73 9.36
C VAL A 154 2.72 -27.59 9.42
N LEU A 155 1.44 -27.95 9.58
CA LEU A 155 0.35 -27.00 9.66
C LEU A 155 -0.10 -26.95 11.13
N SER A 156 0.42 -25.98 11.87
CA SER A 156 0.10 -25.80 13.29
C SER A 156 -1.10 -24.88 13.41
N VAL A 157 -2.15 -25.35 14.09
CA VAL A 157 -3.41 -24.63 14.22
C VAL A 157 -3.75 -24.49 15.71
N ARG A 158 -4.05 -23.27 16.14
CA ARG A 158 -4.60 -23.03 17.47
C ARG A 158 -6.11 -23.07 17.40
N THR A 159 -6.73 -23.73 18.38
CA THR A 159 -8.17 -23.96 18.35
C THR A 159 -8.74 -23.81 19.75
N GLY A 160 -9.64 -22.85 19.94
CA GLY A 160 -10.42 -22.86 21.17
C GLY A 160 -10.33 -21.61 22.04
N ASP A 161 -11.50 -21.11 22.42
CA ASP A 161 -11.69 -20.11 23.49
C ASP A 161 -10.89 -18.84 23.15
N ASP A 162 -10.32 -18.17 24.14
CA ASP A 162 -9.61 -16.92 23.93
C ASP A 162 -8.41 -16.81 24.87
N ASN A 167 -4.25 -21.14 30.10
CA ASN A 167 -3.77 -22.41 30.62
C ASN A 167 -4.90 -23.18 31.32
N ASP A 168 -6.14 -22.83 30.98
CA ASP A 168 -7.31 -23.50 31.52
C ASP A 168 -7.66 -24.79 30.79
N GLY A 169 -6.73 -25.36 30.03
CA GLY A 169 -7.07 -26.47 29.17
C GLY A 169 -8.03 -26.10 28.07
N LYS A 170 -8.20 -24.80 27.84
CA LYS A 170 -9.19 -24.30 26.90
C LYS A 170 -8.75 -24.56 25.46
N SER A 171 -7.60 -24.02 25.07
CA SER A 171 -7.13 -24.09 23.70
C SER A 171 -6.12 -25.22 23.54
N LYS A 172 -5.68 -25.41 22.30
CA LYS A 172 -4.71 -26.44 21.96
C LYS A 172 -4.04 -26.05 20.63
N VAL A 173 -2.94 -26.73 20.33
CA VAL A 173 -2.19 -26.50 19.10
C VAL A 173 -2.06 -27.86 18.41
N THR A 174 -2.85 -28.07 17.36
CA THR A 174 -2.83 -29.32 16.62
C THR A 174 -1.89 -29.19 15.41
N HIS A 175 -0.92 -30.10 15.32
CA HIS A 175 0.02 -30.11 14.21
C HIS A 175 -0.48 -31.08 13.14
N VAL A 176 -0.49 -30.62 11.89
CA VAL A 176 -0.94 -31.40 10.75
C VAL A 176 0.23 -31.56 9.79
N MET A 177 0.71 -32.78 9.63
CA MET A 177 1.82 -33.03 8.72
C MET A 177 1.38 -32.84 7.27
N ILE A 178 2.20 -32.15 6.49
CA ILE A 178 1.94 -31.89 5.09
C ILE A 178 3.08 -32.54 4.30
N ARG A 179 2.83 -33.74 3.77
CA ARG A 179 3.82 -34.40 2.95
C ARG A 179 4.00 -33.66 1.63
N CYS A 180 5.26 -33.47 1.23
CA CYS A 180 5.60 -32.88 -0.06
C CYS A 180 6.27 -33.95 -0.90
N GLN A 181 5.53 -34.46 -1.89
CA GLN A 181 6.04 -35.51 -2.77
C GLN A 181 5.59 -35.23 -4.19
N GLU A 182 6.51 -35.45 -5.14
CA GLU A 182 6.23 -35.27 -6.57
C GLU A 182 5.85 -33.83 -6.88
N LEU A 183 6.53 -32.89 -6.23
CA LEU A 183 6.29 -31.45 -6.38
C LEU A 183 4.84 -31.06 -6.11
N LYS A 184 4.11 -31.90 -5.37
CA LYS A 184 2.75 -31.62 -4.96
C LYS A 184 2.64 -31.72 -3.45
N TYR A 185 1.73 -30.94 -2.89
CA TYR A 185 1.56 -30.85 -1.44
C TYR A 185 0.24 -31.50 -1.05
N ASP A 186 0.31 -32.40 -0.07
CA ASP A 186 -0.87 -33.07 0.48
C ASP A 186 -0.75 -33.14 1.99
N VAL A 187 -1.90 -33.21 2.65
CA VAL A 187 -1.94 -33.29 4.11
C VAL A 187 -1.91 -34.75 4.54
N GLY A 188 -1.47 -35.63 3.64
CA GLY A 188 -1.42 -37.04 3.93
C GLY A 188 -2.79 -37.70 3.82
N GLY A 189 -3.45 -37.48 2.68
CA GLY A 189 -4.76 -38.05 2.48
C GLY A 189 -5.68 -37.19 1.64
N GLY A 190 -5.94 -37.62 0.41
CA GLY A 190 -6.88 -36.93 -0.45
C GLY A 190 -6.25 -36.19 -1.60
N GLU A 191 -6.68 -34.95 -1.80
CA GLU A 191 -6.22 -34.16 -2.94
C GLU A 191 -4.78 -33.70 -2.74
N ARG A 192 -4.04 -33.61 -3.84
CA ARG A 192 -2.66 -33.17 -3.84
C ARG A 192 -2.54 -31.91 -4.70
N PHE A 193 -2.17 -30.81 -4.07
CA PHE A 193 -2.22 -29.49 -4.69
C PHE A 193 -0.89 -29.10 -5.32
N ASP A 194 -0.95 -28.10 -6.20
CA ASP A 194 0.24 -27.65 -6.92
C ASP A 194 1.12 -26.73 -6.08
N SER A 195 0.64 -26.23 -4.95
CA SER A 195 1.41 -25.34 -4.11
C SER A 195 0.84 -25.36 -2.70
N LEU A 196 1.63 -24.86 -1.75
CA LEU A 196 1.13 -24.72 -0.38
C LEU A 196 -0.02 -23.72 -0.30
N THR A 197 0.00 -22.69 -1.15
CA THR A 197 -1.10 -21.73 -1.16
C THR A 197 -2.42 -22.40 -1.56
N ASP A 198 -2.38 -23.26 -2.57
CA ASP A 198 -3.57 -24.01 -2.95
C ASP A 198 -4.04 -24.94 -1.83
N LEU A 199 -3.11 -25.47 -1.05
CA LEU A 199 -3.48 -26.34 0.05
C LEU A 199 -4.12 -25.55 1.19
N VAL A 200 -3.53 -24.42 1.56
CA VAL A 200 -4.09 -23.60 2.63
C VAL A 200 -5.42 -23.01 2.20
N GLU A 201 -5.52 -22.56 0.95
CA GLU A 201 -6.75 -21.94 0.47
C GLU A 201 -7.89 -22.95 0.40
N HIS A 202 -7.58 -24.21 0.09
CA HIS A 202 -8.63 -25.23 0.06
C HIS A 202 -9.15 -25.54 1.45
N TYR A 203 -8.26 -25.67 2.42
CA TYR A 203 -8.66 -25.97 3.80
C TYR A 203 -9.05 -24.71 4.57
N LYS A 204 -8.96 -23.53 3.96
CA LYS A 204 -9.58 -22.35 4.53
C LYS A 204 -11.07 -22.32 4.23
N LYS A 205 -11.46 -22.71 3.01
CA LYS A 205 -12.87 -22.83 2.68
C LYS A 205 -13.51 -24.03 3.39
N ASN A 206 -12.95 -25.22 3.17
CA ASN A 206 -13.42 -26.46 3.78
C ASN A 206 -12.43 -26.90 4.84
N PRO A 207 -12.61 -26.50 6.10
CA PRO A 207 -11.64 -26.87 7.13
C PRO A 207 -11.69 -28.35 7.45
N MET A 208 -10.57 -28.86 7.94
CA MET A 208 -10.50 -30.26 8.35
C MET A 208 -11.31 -30.49 9.63
N VAL A 209 -11.76 -31.72 9.80
CA VAL A 209 -12.53 -32.12 10.98
C VAL A 209 -11.93 -33.42 11.51
N GLU A 210 -11.41 -33.38 12.73
CA GLU A 210 -10.88 -34.57 13.33
C GLU A 210 -12.01 -35.52 13.71
N THR A 211 -11.66 -36.80 13.88
CA THR A 211 -12.67 -37.84 14.01
C THR A 211 -13.56 -37.64 15.24
N LEU A 212 -13.11 -36.90 16.24
CA LEU A 212 -13.91 -36.70 17.44
C LEU A 212 -14.72 -35.40 17.42
N GLY A 213 -14.71 -34.67 16.31
CA GLY A 213 -15.63 -33.57 16.12
C GLY A 213 -15.07 -32.16 16.25
N THR A 214 -13.75 -32.00 16.27
CA THR A 214 -13.17 -30.66 16.32
C THR A 214 -12.74 -30.22 14.92
N VAL A 215 -12.88 -28.92 14.65
CA VAL A 215 -12.67 -28.37 13.31
C VAL A 215 -11.40 -27.55 13.32
N LEU A 216 -10.51 -27.82 12.35
CA LEU A 216 -9.24 -27.11 12.22
C LEU A 216 -9.46 -25.94 11.26
N GLN A 217 -10.11 -24.90 11.77
CA GLN A 217 -10.46 -23.74 10.95
C GLN A 217 -9.27 -22.80 10.86
N LEU A 218 -8.86 -22.46 9.64
CA LEU A 218 -7.73 -21.57 9.40
C LEU A 218 -8.28 -20.15 9.19
N LYS A 219 -8.56 -19.49 10.31
CA LYS A 219 -9.15 -18.15 10.28
C LYS A 219 -8.12 -17.12 9.80
N GLN A 220 -7.26 -16.66 10.70
CA GLN A 220 -6.27 -15.65 10.35
C GLN A 220 -4.86 -16.20 10.53
N PRO A 221 -3.90 -15.72 9.74
CA PRO A 221 -2.50 -16.14 9.95
C PRO A 221 -1.93 -15.53 11.21
N LEU A 222 -0.84 -16.12 11.70
CA LEU A 222 -0.20 -15.65 12.92
C LEU A 222 0.45 -14.30 12.68
N ASN A 223 0.25 -13.37 13.61
CA ASN A 223 0.84 -12.04 13.52
C ASN A 223 2.26 -12.08 14.05
N THR A 224 3.21 -11.66 13.21
CA THR A 224 4.62 -11.58 13.61
C THR A 224 5.25 -10.23 13.27
N THR A 225 4.45 -9.27 12.80
CA THR A 225 4.96 -7.96 12.43
C THR A 225 4.68 -6.90 13.49
N ARG A 226 4.00 -7.25 14.57
CA ARG A 226 3.74 -6.31 15.66
C ARG A 226 4.83 -6.43 16.71
N ILE A 227 5.44 -5.29 17.05
CA ILE A 227 6.49 -5.23 18.06
C ILE A 227 6.30 -3.99 18.92
N ASN A 228 6.95 -4.01 20.09
CA ASN A 228 6.95 -2.84 20.96
C ASN A 228 7.70 -1.70 20.29
N ALA A 229 7.17 -0.48 20.43
CA ALA A 229 7.76 0.68 19.78
C ALA A 229 9.14 1.03 20.31
N ALA A 230 9.57 0.43 21.41
CA ALA A 230 10.96 0.54 21.84
C ALA A 230 11.85 -0.54 21.25
N GLU A 231 11.27 -1.65 20.80
CA GLU A 231 12.00 -2.73 20.14
C GLU A 231 12.27 -2.43 18.67
N ILE A 232 12.11 -1.18 18.23
CA ILE A 232 12.14 -0.86 16.81
C ILE A 232 13.55 -1.01 16.25
N GLU A 233 14.56 -0.66 17.04
CA GLU A 233 15.94 -0.68 16.55
C GLU A 233 16.40 -2.10 16.26
N SER A 234 15.95 -3.07 17.06
CA SER A 234 16.35 -4.46 16.84
C SER A 234 15.63 -5.05 15.63
N ARG A 235 14.32 -4.82 15.53
CA ARG A 235 13.55 -5.40 14.43
C ARG A 235 14.05 -4.89 13.08
N VAL A 236 14.46 -3.63 13.01
CA VAL A 236 15.08 -3.12 11.77
C VAL A 236 16.39 -3.84 11.50
N ARG A 237 17.16 -4.12 12.56
CA ARG A 237 18.43 -4.80 12.38
C ARG A 237 18.25 -6.23 11.88
N GLU A 238 17.15 -6.88 12.28
CA GLU A 238 16.89 -8.23 11.77
C GLU A 238 16.43 -8.18 10.32
N LEU A 239 15.65 -7.16 9.95
CA LEU A 239 15.13 -7.03 8.60
C LEU A 239 16.13 -6.39 7.64
N SER A 240 17.25 -5.87 8.14
CA SER A 240 18.16 -5.11 7.28
C SER A 240 18.89 -6.01 6.29
N LYS A 241 19.39 -7.16 6.75
CA LYS A 241 20.22 -8.03 5.91
C LYS A 241 19.82 -9.48 6.15
N LEU A 242 19.18 -10.09 5.17
CA LEU A 242 18.81 -11.51 5.18
C LEU A 242 18.10 -11.92 6.47
N GLN A 251 16.68 -10.00 1.64
CA GLN A 251 16.61 -9.37 2.95
C GLN A 251 15.23 -9.59 3.58
N GLY A 252 15.14 -9.37 4.88
CA GLY A 252 13.84 -9.42 5.54
C GLY A 252 12.94 -8.27 5.14
N PHE A 253 13.53 -7.11 4.82
CA PHE A 253 12.76 -5.99 4.32
C PHE A 253 12.02 -6.35 3.03
N TRP A 254 12.71 -7.04 2.12
CA TRP A 254 12.11 -7.39 0.84
C TRP A 254 11.04 -8.47 1.02
N GLU A 255 11.31 -9.47 1.85
CA GLU A 255 10.35 -10.56 2.03
C GLU A 255 9.11 -10.09 2.79
N GLU A 256 9.29 -9.19 3.77
CA GLU A 256 8.14 -8.68 4.50
C GLU A 256 7.31 -7.74 3.64
N PHE A 257 7.93 -7.07 2.68
CA PHE A 257 7.20 -6.16 1.80
C PHE A 257 6.43 -6.92 0.73
N GLU A 258 7.06 -7.93 0.12
CA GLU A 258 6.35 -8.72 -0.89
C GLU A 258 5.18 -9.48 -0.28
N THR A 259 5.30 -9.89 0.98
CA THR A 259 4.17 -10.51 1.67
C THR A 259 3.03 -9.51 1.83
N LEU A 260 3.36 -8.23 2.04
CA LEU A 260 2.33 -7.20 2.04
C LEU A 260 1.75 -7.01 0.65
N GLN A 261 2.58 -7.12 -0.39
CA GLN A 261 2.10 -6.94 -1.76
C GLN A 261 1.12 -8.03 -2.17
N GLN A 262 1.30 -9.26 -1.67
CA GLN A 262 0.42 -10.36 -2.01
C GLN A 262 -0.98 -10.21 -1.44
N GLN A 263 -1.24 -9.15 -0.65
CA GLN A 263 -2.55 -8.92 -0.08
C GLN A 263 -3.34 -7.84 -0.81
N GLU A 264 -2.73 -7.16 -1.79
CA GLU A 264 -3.43 -6.09 -2.50
C GLU A 264 -4.56 -6.61 -3.36
N CYS A 265 -4.55 -7.88 -3.74
CA CYS A 265 -5.64 -8.45 -4.53
C CYS A 265 -6.95 -8.49 -3.75
N LYS A 266 -6.89 -8.41 -2.43
CA LYS A 266 -8.09 -8.33 -1.61
C LYS A 266 -8.66 -6.92 -1.54
N LEU A 267 -8.06 -5.95 -2.24
CA LEU A 267 -8.43 -4.55 -2.13
C LEU A 267 -8.94 -3.99 -3.45
N LEU A 268 -9.57 -4.83 -4.26
CA LEU A 268 -10.11 -4.41 -5.56
C LEU A 268 -11.59 -4.05 -5.37
N TYR A 269 -11.83 -2.87 -4.83
CA TYR A 269 -13.17 -2.39 -4.57
C TYR A 269 -13.64 -1.47 -5.69
N SER A 270 -14.95 -1.25 -5.74
CA SER A 270 -15.56 -0.54 -6.85
C SER A 270 -15.14 0.93 -6.85
N ARG A 271 -14.85 1.44 -8.05
CA ARG A 271 -14.49 2.84 -8.28
C ARG A 271 -15.35 3.41 -9.41
N LYS A 272 -16.66 3.16 -9.33
CA LYS A 272 -17.56 3.51 -10.43
C LYS A 272 -17.63 5.01 -10.65
N GLU A 273 -17.71 5.79 -9.56
CA GLU A 273 -17.87 7.23 -9.70
C GLU A 273 -16.68 7.87 -10.43
N GLY A 274 -15.48 7.34 -10.23
CA GLY A 274 -14.32 7.84 -10.96
C GLY A 274 -14.29 7.42 -12.41
N GLN A 275 -15.04 6.38 -12.77
CA GLN A 275 -15.05 5.85 -14.13
C GLN A 275 -16.17 6.42 -14.99
N ARG A 276 -17.01 7.29 -14.44
CA ARG A 276 -18.12 7.84 -15.20
C ARG A 276 -17.61 8.81 -16.27
N GLN A 277 -18.43 8.99 -17.32
CA GLN A 277 -18.07 9.89 -18.39
C GLN A 277 -18.02 11.35 -17.93
N GLU A 278 -18.73 11.68 -16.85
CA GLU A 278 -18.72 13.03 -16.31
C GLU A 278 -17.43 13.36 -15.58
N ASN A 279 -16.58 12.36 -15.34
CA ASN A 279 -15.41 12.54 -14.49
C ASN A 279 -14.15 11.93 -15.09
N LYS A 280 -14.16 11.59 -16.38
CA LYS A 280 -12.98 11.03 -17.02
C LYS A 280 -11.83 12.04 -17.03
N ASN A 281 -12.14 13.31 -17.26
CA ASN A 281 -11.13 14.36 -17.36
C ASN A 281 -10.76 14.96 -16.02
N LYS A 282 -11.44 14.58 -14.93
CA LYS A 282 -11.13 15.09 -13.60
C LYS A 282 -10.07 14.27 -12.88
N ASN A 283 -9.55 13.23 -13.51
CA ASN A 283 -8.48 12.41 -12.95
C ASN A 283 -7.21 12.64 -13.76
N ARG A 284 -6.11 12.93 -13.05
CA ARG A 284 -4.82 13.09 -13.73
C ARG A 284 -4.42 11.80 -14.44
N TYR A 285 -4.69 10.65 -13.81
CA TYR A 285 -4.48 9.34 -14.41
C TYR A 285 -5.80 8.60 -14.37
N LYS A 286 -6.33 8.25 -15.54
CA LYS A 286 -7.70 7.75 -15.64
C LYS A 286 -7.90 6.41 -14.95
N ASN A 287 -6.82 5.68 -14.65
CA ASN A 287 -6.95 4.40 -13.99
C ASN A 287 -6.72 4.45 -12.48
N ILE A 288 -5.97 5.44 -12.00
CA ILE A 288 -5.76 5.62 -10.56
C ILE A 288 -6.96 6.41 -10.04
N LEU A 289 -7.97 5.70 -9.53
CA LEU A 289 -9.25 6.30 -9.16
C LEU A 289 -9.55 6.05 -7.69
N PRO A 290 -10.35 6.90 -7.05
CA PRO A 290 -10.70 6.69 -5.66
C PRO A 290 -11.73 5.60 -5.48
N PHE A 291 -11.67 4.94 -4.32
CA PHE A 291 -12.69 3.97 -3.95
C PHE A 291 -14.01 4.70 -3.69
N ASP A 292 -15.12 3.99 -3.97
CA ASP A 292 -16.44 4.60 -3.80
C ASP A 292 -16.78 4.78 -2.33
N HIS A 293 -16.40 3.82 -1.49
CA HIS A 293 -16.80 3.87 -0.08
C HIS A 293 -16.04 4.92 0.72
N THR A 294 -14.95 5.47 0.20
CA THR A 294 -14.18 6.47 0.92
C THR A 294 -13.95 7.74 0.10
N ARG A 295 -14.58 7.87 -1.06
CA ARG A 295 -14.38 9.05 -1.90
C ARG A 295 -14.94 10.29 -1.21
N VAL A 296 -14.39 11.45 -1.58
CA VAL A 296 -14.84 12.73 -1.05
C VAL A 296 -15.90 13.28 -1.99
N VAL A 297 -17.11 13.47 -1.47
CA VAL A 297 -18.22 14.01 -2.24
C VAL A 297 -18.32 15.50 -1.97
N LEU A 298 -18.60 16.28 -3.01
CA LEU A 298 -18.69 17.73 -2.91
C LEU A 298 -20.13 18.17 -3.04
N HIS A 299 -20.61 18.94 -2.07
CA HIS A 299 -21.95 19.49 -2.13
C HIS A 299 -21.90 20.87 -2.76
N ASP A 300 -23.09 21.47 -2.92
CA ASP A 300 -23.27 22.74 -3.62
C ASP A 300 -22.78 22.67 -5.06
N GLY A 301 -22.42 23.80 -5.64
CA GLY A 301 -21.93 23.84 -7.01
C GLY A 301 -22.61 24.91 -7.85
N SER A 308 -21.43 19.42 -10.22
CA SER A 308 -21.02 18.04 -9.96
C SER A 308 -20.58 17.85 -8.52
N ASP A 309 -20.08 16.65 -8.21
CA ASP A 309 -19.68 16.33 -6.85
C ASP A 309 -18.38 15.52 -6.77
N TYR A 310 -17.67 15.35 -7.88
CA TYR A 310 -16.54 14.43 -7.93
C TYR A 310 -15.22 15.16 -7.79
N ILE A 311 -14.28 14.51 -7.09
CA ILE A 311 -12.88 14.94 -7.03
C ILE A 311 -12.06 13.72 -6.64
N ASN A 312 -10.96 13.48 -7.34
CA ASN A 312 -10.14 12.30 -7.07
C ASN A 312 -9.50 12.42 -5.69
N ALA A 313 -10.22 12.01 -4.65
CA ALA A 313 -9.74 12.12 -3.29
C ALA A 313 -10.41 11.04 -2.44
N ASN A 314 -9.69 10.60 -1.40
CA ASN A 314 -10.20 9.61 -0.47
C ASN A 314 -9.99 10.10 0.96
N ILE A 315 -10.74 9.50 1.89
CA ILE A 315 -10.69 9.86 3.30
C ILE A 315 -9.91 8.77 4.03
N ILE A 316 -8.76 9.14 4.58
CA ILE A 316 -7.91 8.22 5.34
C ILE A 316 -8.11 8.49 6.83
N MET A 317 -8.00 7.44 7.63
CA MET A 317 -8.26 7.55 9.06
C MET A 317 -7.62 6.37 9.78
N PRO A 318 -7.24 6.54 11.06
CA PRO A 318 -6.72 5.46 11.90
C PRO A 318 -7.83 4.62 12.52
N LYS A 330 -9.87 12.82 17.49
CA LYS A 330 -8.98 12.08 16.60
C LYS A 330 -8.67 12.87 15.33
N LYS A 331 -7.63 12.45 14.63
CA LYS A 331 -7.13 13.15 13.45
C LYS A 331 -7.21 12.24 12.24
N SER A 332 -7.80 12.74 11.15
CA SER A 332 -7.97 12.01 9.91
C SER A 332 -7.24 12.73 8.78
N TYR A 333 -7.32 12.16 7.57
CA TYR A 333 -6.60 12.68 6.43
C TYR A 333 -7.49 12.69 5.20
N ILE A 334 -7.03 13.42 4.18
CA ILE A 334 -7.61 13.38 2.84
C ILE A 334 -6.45 13.24 1.86
N ALA A 335 -6.46 12.16 1.09
CA ALA A 335 -5.41 11.86 0.12
C ALA A 335 -5.98 12.06 -1.28
N THR A 336 -5.46 13.05 -2.00
CA THR A 336 -5.93 13.38 -3.34
C THR A 336 -4.77 13.44 -4.31
N GLN A 337 -5.10 13.56 -5.59
CA GLN A 337 -4.10 13.63 -6.65
C GLN A 337 -3.65 15.08 -6.85
N GLY A 338 -2.61 15.23 -7.69
CA GLY A 338 -2.19 16.55 -8.10
C GLY A 338 -3.29 17.24 -8.88
N CYS A 339 -3.57 18.50 -8.54
CA CYS A 339 -4.71 19.20 -9.11
C CYS A 339 -4.51 19.41 -10.61
N LEU A 340 -5.55 19.09 -11.38
CA LEU A 340 -5.58 19.46 -12.79
C LEU A 340 -6.12 20.87 -12.93
N GLN A 341 -5.93 21.45 -14.12
CA GLN A 341 -6.34 22.83 -14.34
C GLN A 341 -7.86 22.98 -14.36
N ASN A 342 -8.60 21.88 -14.53
CA ASN A 342 -10.05 21.90 -14.45
C ASN A 342 -10.58 21.35 -13.13
N THR A 343 -9.70 21.11 -12.16
CA THR A 343 -10.11 20.61 -10.85
C THR A 343 -9.62 21.49 -9.71
N VAL A 344 -9.05 22.66 -10.01
CA VAL A 344 -8.59 23.56 -8.96
C VAL A 344 -9.78 24.10 -8.17
N ASN A 345 -10.86 24.48 -8.87
CA ASN A 345 -12.05 24.97 -8.19
C ASN A 345 -12.66 23.90 -7.30
N ASP A 346 -12.68 22.65 -7.77
CA ASP A 346 -13.18 21.55 -6.95
C ASP A 346 -12.26 21.28 -5.77
N PHE A 347 -10.96 21.57 -5.91
CA PHE A 347 -10.03 21.31 -4.82
C PHE A 347 -10.28 22.23 -3.64
N TRP A 348 -10.61 23.50 -3.91
CA TRP A 348 -10.85 24.45 -2.82
C TRP A 348 -12.26 24.32 -2.26
N ARG A 349 -13.21 23.82 -3.05
CA ARG A 349 -14.52 23.48 -2.50
C ARG A 349 -14.41 22.33 -1.51
N MET A 350 -13.46 21.41 -1.74
CA MET A 350 -13.24 20.32 -0.80
C MET A 350 -12.59 20.81 0.49
N VAL A 351 -11.58 21.68 0.36
CA VAL A 351 -10.89 22.21 1.54
C VAL A 351 -11.85 23.05 2.38
N PHE A 352 -12.75 23.77 1.72
CA PHE A 352 -13.69 24.63 2.44
C PHE A 352 -14.80 23.82 3.09
N GLN A 353 -15.40 22.90 2.34
CA GLN A 353 -16.55 22.15 2.86
C GLN A 353 -16.14 21.18 3.96
N GLU A 354 -14.97 20.56 3.82
CA GLU A 354 -14.48 19.64 4.84
C GLU A 354 -13.73 20.36 5.97
N ASN A 355 -13.66 21.69 5.92
CA ASN A 355 -13.00 22.50 6.95
C ASN A 355 -11.55 22.06 7.15
N SER A 356 -10.83 21.95 6.04
CA SER A 356 -9.40 21.63 6.10
C SER A 356 -8.61 22.89 6.37
N ARG A 357 -7.69 22.82 7.34
CA ARG A 357 -6.84 23.95 7.70
C ARG A 357 -5.37 23.71 7.39
N VAL A 358 -4.97 22.49 7.04
CA VAL A 358 -3.59 22.15 6.77
C VAL A 358 -3.53 21.37 5.47
N ILE A 359 -2.66 21.80 4.55
CA ILE A 359 -2.46 21.13 3.27
C ILE A 359 -0.99 20.71 3.20
N VAL A 360 -0.75 19.47 2.76
CA VAL A 360 0.59 18.92 2.66
C VAL A 360 0.86 18.59 1.19
N MET A 361 1.85 19.27 0.61
CA MET A 361 2.28 19.03 -0.76
C MET A 361 3.66 18.40 -0.74
N THR A 362 3.77 17.19 -1.28
CA THR A 362 4.98 16.39 -1.19
C THR A 362 5.68 16.22 -2.53
N THR A 363 5.33 17.02 -3.53
CA THR A 363 5.95 16.94 -4.84
C THR A 363 6.18 18.34 -5.37
N LYS A 364 7.10 18.44 -6.34
CA LYS A 364 7.34 19.70 -7.02
C LYS A 364 6.29 19.91 -8.11
N GLU A 365 6.30 21.12 -8.68
CA GLU A 365 5.30 21.45 -9.69
C GLU A 365 5.50 20.63 -10.96
N VAL A 366 6.74 20.38 -11.34
CA VAL A 366 7.07 19.56 -12.50
C VAL A 366 8.27 18.70 -12.14
N GLU A 367 8.10 17.38 -12.21
CA GLU A 367 9.17 16.43 -11.97
C GLU A 367 9.22 15.41 -13.09
N ARG A 368 10.42 14.90 -13.37
CA ARG A 368 10.66 13.95 -14.45
C ARG A 368 10.20 14.49 -15.80
N GLY A 369 10.32 15.81 -15.98
CA GLY A 369 10.00 16.45 -17.24
C GLY A 369 8.51 16.59 -17.54
N LYS A 370 7.63 16.12 -16.67
CA LYS A 370 6.21 16.15 -16.91
C LYS A 370 5.49 16.83 -15.74
N SER A 371 4.30 17.36 -16.03
CA SER A 371 3.54 18.07 -15.02
C SER A 371 2.97 17.10 -14.00
N LYS A 372 3.09 17.47 -12.72
CA LYS A 372 2.56 16.66 -11.63
C LYS A 372 1.46 17.34 -10.84
N CYS A 373 1.50 18.67 -10.70
CA CYS A 373 0.49 19.39 -9.93
C CYS A 373 0.53 20.85 -10.36
N VAL A 374 -0.59 21.35 -10.91
CA VAL A 374 -0.65 22.74 -11.34
C VAL A 374 -0.65 23.66 -10.12
N LYS A 375 -0.34 24.94 -10.38
CA LYS A 375 -0.27 25.93 -9.33
C LYS A 375 -1.68 26.32 -8.92
N TYR A 376 -2.13 25.81 -7.77
CA TYR A 376 -3.45 26.10 -7.24
C TYR A 376 -3.42 27.14 -6.12
N TRP A 377 -2.26 27.76 -5.89
CA TRP A 377 -2.11 28.71 -4.80
C TRP A 377 -1.58 30.04 -5.32
N PRO A 378 -2.09 31.16 -4.79
CA PRO A 378 -1.58 32.46 -5.22
C PRO A 378 -0.17 32.71 -4.71
N ASP A 379 0.52 33.62 -5.40
CA ASP A 379 1.87 33.98 -5.03
C ASP A 379 1.86 34.85 -3.78
N GLU A 380 3.04 35.06 -3.20
CA GLU A 380 3.14 35.76 -1.93
C GLU A 380 2.61 37.18 -2.05
N TYR A 381 1.90 37.63 -1.02
CA TYR A 381 1.29 38.96 -0.97
C TYR A 381 0.32 39.17 -2.14
N ALA A 382 -0.50 38.17 -2.43
CA ALA A 382 -1.44 38.25 -3.54
C ALA A 382 -2.72 37.52 -3.16
N LEU A 383 -3.72 37.67 -4.03
CA LEU A 383 -5.02 37.03 -3.86
C LEU A 383 -5.51 36.55 -5.21
N LYS A 384 -6.10 35.35 -5.24
CA LYS A 384 -6.67 34.80 -6.45
C LYS A 384 -7.98 34.11 -6.11
N GLU A 385 -8.92 34.15 -7.04
CA GLU A 385 -10.26 33.62 -6.85
C GLU A 385 -10.46 32.38 -7.70
N TYR A 386 -10.77 31.26 -7.06
CA TYR A 386 -11.03 29.99 -7.74
C TYR A 386 -12.51 29.69 -7.59
N GLY A 387 -13.29 30.03 -8.61
CA GLY A 387 -14.73 29.82 -8.53
C GLY A 387 -15.34 30.73 -7.48
N VAL A 388 -16.10 30.13 -6.57
CA VAL A 388 -16.71 30.89 -5.47
C VAL A 388 -15.76 31.06 -4.29
N MET A 389 -14.60 30.42 -4.32
CA MET A 389 -13.66 30.49 -3.22
C MET A 389 -12.64 31.61 -3.44
N ARG A 390 -11.91 31.94 -2.38
CA ARG A 390 -10.95 33.04 -2.42
C ARG A 390 -9.77 32.68 -1.53
N VAL A 391 -8.58 32.56 -2.12
CA VAL A 391 -7.37 32.22 -1.38
C VAL A 391 -6.46 33.44 -1.37
N ARG A 392 -5.92 33.77 -0.20
CA ARG A 392 -5.10 34.95 -0.01
C ARG A 392 -3.79 34.55 0.63
N ASN A 393 -2.68 34.75 -0.09
CA ASN A 393 -1.36 34.41 0.42
C ASN A 393 -0.85 35.56 1.29
N VAL A 394 -0.69 35.28 2.59
CA VAL A 394 -0.27 36.30 3.54
C VAL A 394 1.25 36.39 3.64
N LYS A 395 1.91 35.27 3.84
CA LYS A 395 3.36 35.26 4.03
C LYS A 395 3.89 33.85 3.78
N GLU A 396 4.97 33.77 2.99
CA GLU A 396 5.66 32.50 2.76
C GLU A 396 6.89 32.42 3.64
N SER A 397 7.18 31.22 4.13
CA SER A 397 8.33 30.97 5.00
C SER A 397 9.15 29.84 4.39
N ALA A 398 10.27 30.21 3.76
CA ALA A 398 11.14 29.23 3.09
C ALA A 398 12.07 28.60 4.12
N ALA A 399 11.80 27.36 4.49
CA ALA A 399 12.66 26.62 5.39
C ALA A 399 13.71 25.85 4.58
N HIS A 400 14.40 24.92 5.23
CA HIS A 400 15.43 24.14 4.54
C HIS A 400 14.81 23.10 3.62
N ASP A 401 13.91 22.28 4.17
CA ASP A 401 13.33 21.16 3.43
C ASP A 401 11.96 21.45 2.83
N TYR A 402 11.32 22.55 3.22
CA TYR A 402 9.95 22.80 2.79
C TYR A 402 9.68 24.29 2.78
N THR A 403 8.47 24.65 2.32
CA THR A 403 8.03 26.04 2.23
C THR A 403 6.63 26.14 2.81
N LEU A 404 6.46 26.98 3.83
CA LEU A 404 5.18 27.19 4.48
C LEU A 404 4.52 28.45 3.92
N ARG A 405 3.24 28.34 3.61
CA ARG A 405 2.45 29.47 3.10
C ARG A 405 1.23 29.67 3.99
N GLU A 406 1.04 30.90 4.46
CA GLU A 406 -0.14 31.26 5.24
C GLU A 406 -1.22 31.75 4.28
N LEU A 407 -2.22 30.91 4.04
CA LEU A 407 -3.31 31.23 3.14
C LEU A 407 -4.57 31.56 3.93
N LYS A 408 -5.43 32.39 3.32
CA LYS A 408 -6.72 32.75 3.90
C LYS A 408 -7.80 32.36 2.92
N LEU A 409 -8.63 31.39 3.31
CA LEU A 409 -9.71 30.87 2.48
C LEU A 409 -11.03 31.46 2.93
N SER A 410 -11.87 31.81 1.96
CA SER A 410 -13.20 32.34 2.23
C SER A 410 -14.04 32.26 0.96
N LYS A 411 -15.33 31.96 1.13
CA LYS A 411 -16.25 31.95 0.00
C LYS A 411 -16.70 33.37 -0.32
N VAL A 412 -16.94 33.63 -1.60
CA VAL A 412 -17.46 34.93 -2.03
C VAL A 412 -18.86 35.09 -1.46
N GLY A 413 -18.99 35.98 -0.47
CA GLY A 413 -20.27 36.22 0.17
C GLY A 413 -20.16 37.40 1.11
N GLN A 414 -21.33 37.87 1.55
CA GLN A 414 -21.38 39.07 2.38
C GLN A 414 -20.75 38.83 3.75
N GLY A 415 -21.44 38.07 4.61
CA GLY A 415 -20.95 37.84 5.95
C GLY A 415 -19.93 36.72 6.05
N ASN A 416 -19.14 36.53 4.99
CA ASN A 416 -18.14 35.47 4.94
C ASN A 416 -16.82 36.00 5.46
N THR A 417 -16.30 35.37 6.50
CA THR A 417 -15.01 35.73 7.08
C THR A 417 -13.96 34.67 6.73
N GLU A 418 -12.73 35.11 6.54
CA GLU A 418 -11.65 34.21 6.17
C GLU A 418 -11.25 33.31 7.33
N ARG A 419 -10.63 32.19 7.00
CA ARG A 419 -10.02 31.30 7.99
C ARG A 419 -8.68 30.82 7.45
N THR A 420 -7.71 30.68 8.34
CA THR A 420 -6.33 30.45 7.95
C THR A 420 -6.13 28.99 7.53
N VAL A 421 -5.61 28.79 6.33
CA VAL A 421 -5.23 27.48 5.84
C VAL A 421 -3.73 27.50 5.56
N TRP A 422 -3.00 26.55 6.16
CA TRP A 422 -1.55 26.51 6.07
C TRP A 422 -1.15 25.43 5.06
N GLN A 423 -0.39 25.83 4.04
CA GLN A 423 0.13 24.91 3.04
C GLN A 423 1.61 24.65 3.30
N TYR A 424 1.96 23.40 3.55
CA TYR A 424 3.34 22.97 3.71
C TYR A 424 3.78 22.25 2.43
N HIS A 425 4.78 22.80 1.75
CA HIS A 425 5.24 22.30 0.46
C HIS A 425 6.63 21.69 0.64
N PHE A 426 6.69 20.36 0.74
CA PHE A 426 7.95 19.65 0.86
C PHE A 426 8.68 19.65 -0.48
N ARG A 427 9.85 20.27 -0.53
CA ARG A 427 10.62 20.40 -1.76
C ARG A 427 11.89 19.56 -1.77
N THR A 428 12.21 18.88 -0.67
CA THR A 428 13.45 18.13 -0.61
C THR A 428 13.33 16.73 -1.19
N TRP A 429 12.12 16.17 -1.22
CA TRP A 429 11.93 14.79 -1.66
C TRP A 429 12.44 14.62 -3.09
N PRO A 430 13.29 13.63 -3.35
CA PRO A 430 13.88 13.49 -4.69
C PRO A 430 12.84 13.05 -5.72
N ASP A 431 13.22 13.20 -6.99
CA ASP A 431 12.34 12.82 -8.09
C ASP A 431 12.04 11.32 -8.05
N HIS A 432 13.06 10.51 -7.79
CA HIS A 432 12.92 9.07 -7.68
C HIS A 432 13.28 8.64 -6.26
N GLY A 433 12.71 7.51 -5.85
CA GLY A 433 13.11 7.00 -4.57
C GLY A 433 12.64 7.85 -3.40
N VAL A 434 13.33 7.68 -2.27
CA VAL A 434 13.02 8.33 -1.01
C VAL A 434 14.25 9.11 -0.55
N PRO A 435 14.10 10.03 0.40
CA PRO A 435 15.29 10.68 0.97
C PRO A 435 16.10 9.73 1.82
N SER A 436 17.41 9.97 1.87
CA SER A 436 18.30 9.16 2.68
C SER A 436 18.27 9.52 4.16
N ASP A 437 17.64 10.63 4.52
CA ASP A 437 17.55 11.06 5.92
C ASP A 437 16.08 11.16 6.33
N PRO A 438 15.62 10.34 7.27
CA PRO A 438 14.25 10.52 7.79
C PRO A 438 14.07 11.81 8.55
N GLY A 439 15.14 12.40 9.09
CA GLY A 439 15.01 13.61 9.89
C GLY A 439 14.40 14.76 9.11
N GLY A 440 14.71 14.85 7.82
CA GLY A 440 14.10 15.88 6.99
C GLY A 440 12.60 15.75 6.90
N VAL A 441 12.11 14.51 6.74
CA VAL A 441 10.68 14.27 6.76
C VAL A 441 10.14 14.27 8.18
N LEU A 442 10.99 13.97 9.17
CA LEU A 442 10.56 13.98 10.57
C LEU A 442 10.22 15.40 11.02
N ASP A 443 11.12 16.35 10.74
CA ASP A 443 10.85 17.74 11.11
C ASP A 443 9.65 18.30 10.35
N PHE A 444 9.43 17.82 9.12
CA PHE A 444 8.31 18.29 8.33
C PHE A 444 6.97 17.81 8.89
N LEU A 445 6.95 16.67 9.57
CA LEU A 445 5.68 16.13 10.03
C LEU A 445 5.27 16.73 11.38
N GLU A 446 6.19 16.77 12.33
CA GLU A 446 5.88 17.33 13.65
C GLU A 446 5.54 18.81 13.58
N GLU A 447 6.01 19.52 12.55
CA GLU A 447 5.60 20.91 12.37
C GLU A 447 4.20 20.99 11.76
N VAL A 448 3.90 20.10 10.81
CA VAL A 448 2.54 20.02 10.28
C VAL A 448 1.58 19.54 11.37
N HIS A 449 2.05 18.65 12.23
CA HIS A 449 1.20 18.14 13.31
C HIS A 449 0.80 19.25 14.26
N HIS A 450 1.76 20.09 14.66
CA HIS A 450 1.46 21.18 15.59
C HIS A 450 0.51 22.21 14.98
N LYS A 451 0.54 22.38 13.67
CA LYS A 451 -0.40 23.29 13.02
C LYS A 451 -1.83 22.75 13.10
N GLN A 452 -1.98 21.42 13.10
CA GLN A 452 -3.32 20.84 13.22
C GLN A 452 -3.87 21.00 14.63
N GLU A 453 -3.01 20.98 15.63
CA GLU A 453 -3.45 21.16 17.01
C GLU A 453 -3.84 22.61 17.29
N SER A 454 -3.31 23.57 16.52
CA SER A 454 -3.60 24.97 16.76
C SER A 454 -5.06 25.33 16.48
N ILE A 455 -5.82 24.46 15.82
CA ILE A 455 -7.20 24.71 15.47
C ILE A 455 -8.03 23.51 15.92
N MET A 456 -9.12 23.78 16.64
CA MET A 456 -9.97 22.72 17.19
C MET A 456 -11.07 22.31 16.22
N ASP A 457 -11.63 23.25 15.48
CA ASP A 457 -12.65 22.93 14.47
C ASP A 457 -12.05 22.44 13.16
N ALA A 458 -10.74 22.20 13.11
CA ALA A 458 -10.09 21.78 11.88
C ALA A 458 -10.59 20.40 11.46
N GLY A 459 -10.51 20.15 10.15
CA GLY A 459 -10.92 18.88 9.59
C GLY A 459 -9.73 18.00 9.25
N PRO A 460 -9.86 17.19 8.21
CA PRO A 460 -8.76 16.30 7.83
C PRO A 460 -7.62 17.05 7.16
N VAL A 461 -6.42 16.51 7.29
CA VAL A 461 -5.24 17.07 6.63
C VAL A 461 -5.22 16.61 5.19
N VAL A 462 -4.99 17.54 4.27
CA VAL A 462 -4.98 17.25 2.84
C VAL A 462 -3.53 16.98 2.41
N VAL A 463 -3.21 15.72 2.19
CA VAL A 463 -1.90 15.29 1.70
C VAL A 463 -2.04 14.89 0.25
N HIS A 464 -1.12 15.34 -0.59
CA HIS A 464 -1.20 15.05 -2.01
C HIS A 464 0.17 15.14 -2.65
N CYS A 465 0.38 14.35 -3.69
CA CYS A 465 1.58 14.43 -4.51
C CYS A 465 1.20 14.44 -5.98
N SER A 466 1.78 13.54 -6.77
CA SER A 466 1.41 13.44 -8.18
C SER A 466 0.09 12.69 -8.32
N ALA A 467 0.14 11.35 -8.25
CA ALA A 467 -1.08 10.55 -8.26
C ALA A 467 -1.77 10.53 -6.91
N GLY A 468 -1.06 10.84 -5.83
CA GLY A 468 -1.66 10.84 -4.51
C GLY A 468 -1.68 9.50 -3.81
N ILE A 469 -0.74 8.61 -4.14
CA ILE A 469 -0.73 7.26 -3.57
C ILE A 469 0.67 6.90 -3.12
N GLY A 470 1.68 7.44 -3.79
CA GLY A 470 3.06 7.12 -3.49
C GLY A 470 3.59 7.82 -2.26
N ARG A 471 4.18 9.00 -2.45
CA ARG A 471 4.66 9.78 -1.31
C ARG A 471 3.51 10.18 -0.41
N THR A 472 2.34 10.47 -0.99
CA THR A 472 1.16 10.78 -0.20
C THR A 472 0.85 9.65 0.79
N GLY A 473 0.95 8.41 0.34
CA GLY A 473 0.75 7.29 1.24
C GLY A 473 1.86 7.15 2.26
N THR A 474 3.11 7.37 1.84
CA THR A 474 4.23 7.24 2.75
C THR A 474 4.17 8.28 3.87
N PHE A 475 3.76 9.51 3.54
CA PHE A 475 3.66 10.55 4.56
C PHE A 475 2.54 10.25 5.56
N ILE A 476 1.41 9.75 5.08
CA ILE A 476 0.28 9.51 5.97
C ILE A 476 0.58 8.35 6.92
N VAL A 477 1.17 7.27 6.41
CA VAL A 477 1.44 6.11 7.25
C VAL A 477 2.47 6.45 8.33
N ILE A 478 3.51 7.21 7.97
CA ILE A 478 4.52 7.59 8.95
C ILE A 478 3.91 8.45 10.04
N ASP A 479 3.08 9.41 9.65
CA ASP A 479 2.43 10.27 10.65
C ASP A 479 1.48 9.48 11.53
N ILE A 480 0.82 8.46 10.97
CA ILE A 480 -0.07 7.62 11.76
C ILE A 480 0.73 6.85 12.81
N LEU A 481 1.81 6.18 12.37
CA LEU A 481 2.63 5.41 13.30
C LEU A 481 3.30 6.30 14.34
N ILE A 482 3.60 7.55 13.98
CA ILE A 482 4.23 8.47 14.92
C ILE A 482 3.21 9.07 15.87
N ASP A 483 2.03 9.41 15.36
CA ASP A 483 0.96 9.91 16.23
C ASP A 483 0.57 8.86 17.28
N ILE A 484 0.69 7.58 16.93
CA ILE A 484 0.50 6.53 17.92
C ILE A 484 1.60 6.59 18.98
N ILE A 485 2.84 6.87 18.56
CA ILE A 485 3.98 6.82 19.47
C ILE A 485 3.96 7.98 20.45
N ARG A 486 3.76 9.20 19.94
CA ARG A 486 3.80 10.38 20.81
C ARG A 486 2.71 10.35 21.86
N GLU A 487 1.61 9.66 21.60
CA GLU A 487 0.52 9.63 22.58
C GLU A 487 0.72 8.52 23.60
N LYS A 488 1.32 7.40 23.21
CA LYS A 488 1.48 6.24 24.07
C LYS A 488 2.86 6.15 24.70
N GLY A 489 3.85 6.82 24.16
CA GLY A 489 5.23 6.70 24.63
C GLY A 489 6.02 5.72 23.77
N VAL A 490 6.72 4.80 24.42
CA VAL A 490 7.52 3.79 23.71
C VAL A 490 7.23 2.41 24.27
N ASP A 491 6.18 2.29 25.09
CA ASP A 491 5.87 1.04 25.78
C ASP A 491 4.58 0.40 25.27
N CYS A 492 4.29 0.52 23.97
CA CYS A 492 3.15 -0.14 23.37
C CYS A 492 3.53 -0.64 21.99
N ASP A 493 2.55 -1.17 21.26
CA ASP A 493 2.79 -1.91 20.03
C ASP A 493 2.55 -1.04 18.80
N ILE A 494 3.29 -1.34 17.73
CA ILE A 494 3.09 -0.76 16.42
C ILE A 494 3.22 -1.85 15.37
N ASP A 495 2.44 -1.73 14.29
CA ASP A 495 2.43 -2.74 13.23
C ASP A 495 2.41 -1.99 11.90
N VAL A 496 3.58 -1.87 11.27
CA VAL A 496 3.70 -1.16 10.00
C VAL A 496 2.96 -1.89 8.88
N PRO A 497 3.16 -3.21 8.69
CA PRO A 497 2.43 -3.87 7.59
C PRO A 497 0.92 -3.82 7.73
N LYS A 498 0.38 -3.95 8.95
CA LYS A 498 -1.06 -3.87 9.11
C LYS A 498 -1.57 -2.45 8.90
N THR A 499 -0.78 -1.44 9.27
CA THR A 499 -1.20 -0.06 9.08
C THR A 499 -1.27 0.31 7.60
N ILE A 500 -0.32 -0.20 6.80
CA ILE A 500 -0.31 0.11 5.38
C ILE A 500 -1.49 -0.55 4.68
N GLN A 501 -1.73 -1.83 4.98
CA GLN A 501 -2.88 -2.52 4.41
C GLN A 501 -4.19 -1.86 4.82
N MET A 502 -4.25 -1.39 6.08
CA MET A 502 -5.44 -0.68 6.54
C MET A 502 -5.66 0.62 5.80
N VAL A 503 -4.57 1.30 5.41
CA VAL A 503 -4.70 2.53 4.63
C VAL A 503 -4.96 2.21 3.16
N ARG A 504 -4.37 1.13 2.64
CA ARG A 504 -4.62 0.74 1.26
C ARG A 504 -6.08 0.38 1.02
N SER A 505 -6.78 -0.09 2.06
CA SER A 505 -8.19 -0.40 1.91
C SER A 505 -9.06 0.85 1.79
N GLN A 506 -8.50 2.03 1.99
CA GLN A 506 -9.22 3.30 1.86
C GLN A 506 -8.86 4.06 0.60
N ARG A 507 -7.61 3.98 0.14
CA ARG A 507 -7.21 4.50 -1.15
C ARG A 507 -6.28 3.50 -1.81
N SER A 508 -6.44 3.35 -3.13
CA SER A 508 -5.73 2.31 -3.86
C SER A 508 -4.22 2.58 -3.88
N GLY A 509 -3.43 1.57 -3.54
CA GLY A 509 -2.00 1.61 -3.74
C GLY A 509 -1.24 2.59 -2.86
N MET A 510 -1.69 2.83 -1.63
CA MET A 510 -0.93 3.66 -0.72
C MET A 510 0.38 2.98 -0.37
N VAL A 511 1.46 3.77 -0.31
CA VAL A 511 2.82 3.26 -0.18
C VAL A 511 3.13 2.35 -1.36
N GLN A 512 3.81 2.90 -2.37
CA GLN A 512 4.05 2.24 -3.65
C GLN A 512 5.23 1.27 -3.61
N THR A 513 6.44 1.77 -3.40
CA THR A 513 7.65 0.98 -3.58
C THR A 513 8.16 0.42 -2.27
N GLU A 514 9.12 -0.51 -2.38
CA GLU A 514 9.74 -1.09 -1.20
C GLU A 514 10.70 -0.11 -0.54
N ALA A 515 11.24 0.84 -1.31
CA ALA A 515 12.06 1.89 -0.71
C ALA A 515 11.23 2.77 0.23
N GLN A 516 10.00 3.08 -0.17
CA GLN A 516 9.11 3.83 0.72
C GLN A 516 8.72 2.99 1.93
N TYR A 517 8.55 1.69 1.75
CA TYR A 517 8.25 0.81 2.88
C TYR A 517 9.40 0.78 3.88
N ARG A 518 10.63 0.61 3.38
CA ARG A 518 11.79 0.63 4.26
C ARG A 518 11.98 2.00 4.89
N PHE A 519 11.68 3.07 4.16
CA PHE A 519 11.81 4.42 4.70
C PHE A 519 10.82 4.67 5.82
N ILE A 520 9.67 3.99 5.80
CA ILE A 520 8.69 4.14 6.88
C ILE A 520 9.27 3.61 8.19
N TYR A 521 9.89 2.43 8.14
CA TYR A 521 10.55 1.89 9.32
C TYR A 521 11.67 2.80 9.80
N MET A 522 12.41 3.40 8.87
CA MET A 522 13.52 4.27 9.25
C MET A 522 13.01 5.55 9.91
N ALA A 523 11.89 6.08 9.44
CA ALA A 523 11.34 7.30 10.04
C ALA A 523 10.82 7.04 11.44
N VAL A 524 10.14 5.91 11.64
CA VAL A 524 9.68 5.53 12.98
C VAL A 524 10.87 5.23 13.88
N GLN A 525 11.88 4.55 13.36
CA GLN A 525 13.08 4.28 14.14
C GLN A 525 13.80 5.57 14.51
N HIS A 526 13.80 6.55 13.60
CA HIS A 526 14.45 7.83 13.87
C HIS A 526 13.66 8.69 14.84
N TYR A 527 12.33 8.61 14.81
CA TYR A 527 11.53 9.37 15.76
C TYR A 527 11.71 8.84 17.18
N ILE A 528 11.83 7.52 17.31
CA ILE A 528 12.08 6.92 18.62
C ILE A 528 13.44 7.35 19.15
N GLU A 529 14.43 7.44 18.25
CA GLU A 529 15.79 7.78 18.69
C GLU A 529 15.85 9.16 19.32
N THR A 530 15.09 10.12 18.79
CA THR A 530 15.07 11.45 19.38
C THR A 530 14.33 11.46 20.71
N LEU A 531 13.29 10.62 20.86
CA LEU A 531 12.56 10.57 22.12
C LEU A 531 13.38 9.88 23.20
N GLN A 532 14.24 8.94 22.83
CA GLN A 532 15.12 8.29 23.80
C GLN A 532 16.20 9.23 24.33
N ARG A 533 16.48 10.32 23.62
CA ARG A 533 17.51 11.27 24.02
C ARG A 533 16.93 12.67 24.22
C14 33I B . 4.07 -9.25 6.01
C11 33I B . 5.97 -13.55 8.02
C10 33I B . 6.22 -14.80 7.10
C12 33I B . 8.72 -15.37 7.36
C02 33I B . 2.69 -10.48 7.57
C04 33I B . 5.07 -11.19 7.02
C06 33I B . 7.61 -12.24 6.77
C07 33I B . 7.90 -13.44 5.80
C08 33I B . 7.63 -14.81 6.45
C15 33I B . 2.81 -9.36 6.67
C16 33I B . 1.89 -8.27 6.28
C17 33I B . 0.39 -7.95 6.74
C18 33I B . -0.65 -7.54 5.84
C19 33I B . -1.98 -7.25 6.25
C20 33I B . -2.37 -7.34 7.59
C21 33I B . -1.37 -7.74 8.48
C23 33I B . -0.05 -8.02 8.10
N03 33I B . 3.86 -11.38 7.70
N05 33I B . 6.19 -12.27 7.28
N09 33I B . 7.49 -15.80 5.22
N13 33I B . 5.18 -10.15 6.17
N24 33I B . 2.64 -7.54 5.38
N25 33I B . 3.90 -8.11 5.23
O01 33I B . 1.72 -10.74 8.23
CL22 33I B . -1.84 -7.87 10.22
#